data_7HJ6
#
_entry.id   7HJ6
#
_cell.length_a   26.301
_cell.length_b   47.278
_cell.length_c   46.588
_cell.angle_alpha   90.000
_cell.angle_beta   103.560
_cell.angle_gamma   90.000
#
_symmetry.space_group_name_H-M   'P 1 21 1'
#
loop_
_entity.id
_entity.type
_entity.pdbx_description
1 polymer 'De novo designed ABLE protein'
2 non-polymer 2,3-dihydro-1,4-benzodioxin-5-ylmethanol
3 water water
#
_entity_poly.entity_id   1
_entity_poly.type   'polypeptide(L)'
_entity_poly.pdbx_seq_one_letter_code
;SVKSEYAEAAAVGQEAVAVFNTMKAAFQNGDKEAVAQYLARLASLYTRHEELLNRILEKARREGNKEAVTLMNEFTATFQ
TGKSIFNAMVAAFKNGDDDSFESYLQALEKVTAKGETLADQIAKAL
;
_entity_poly.pdbx_strand_id   A
#
loop_
_chem_comp.id
_chem_comp.type
_chem_comp.name
_chem_comp.formula
DBJ non-polymer 2,3-dihydro-1,4-benzodioxin-5-ylmethanol 'C9 H10 O3'
#
# COMPACT_ATOMS: atom_id res chain seq x y z
N SER A 1 9.50 9.81 -17.29
CA SER A 1 10.53 8.80 -17.00
C SER A 1 10.00 7.84 -15.97
N VAL A 2 10.77 6.79 -15.73
CA VAL A 2 10.40 5.85 -14.68
C VAL A 2 10.43 6.56 -13.33
N LYS A 3 11.30 7.56 -13.18
N LYS A 3 11.30 7.57 -13.18
CA LYS A 3 11.41 8.24 -11.90
CA LYS A 3 11.40 8.26 -11.90
C LYS A 3 10.19 9.10 -11.60
C LYS A 3 10.19 9.14 -11.62
N SER A 4 9.67 9.79 -12.62
N SER A 4 9.64 9.80 -12.65
CA SER A 4 8.44 10.55 -12.42
CA SER A 4 8.39 10.53 -12.45
C SER A 4 7.24 9.63 -12.25
C SER A 4 7.20 9.59 -12.30
N GLU A 5 7.24 8.49 -12.97
N GLU A 5 7.24 8.45 -12.98
CA GLU A 5 6.17 7.52 -12.79
CA GLU A 5 6.18 7.48 -12.81
C GLU A 5 6.18 6.95 -11.38
C GLU A 5 6.18 6.91 -11.39
N TYR A 6 7.35 6.84 -10.75
CA TYR A 6 7.42 6.35 -9.38
C TYR A 6 6.95 7.42 -8.39
N ALA A 7 7.24 8.68 -8.64
CA ALA A 7 6.66 9.75 -7.79
C ALA A 7 5.14 9.82 -7.89
N GLU A 8 4.60 9.53 -9.07
CA GLU A 8 3.15 9.39 -9.21
C GLU A 8 2.62 8.25 -8.35
N ALA A 9 3.28 7.09 -8.40
CA ALA A 9 2.91 5.96 -7.57
C ALA A 9 3.08 6.26 -6.09
N ALA A 10 4.17 6.95 -5.73
CA ALA A 10 4.36 7.32 -4.32
C ALA A 10 3.21 8.19 -3.81
N ALA A 11 2.68 9.08 -4.66
CA ALA A 11 1.57 9.93 -4.26
C ALA A 11 0.32 9.10 -4.05
N VAL A 12 0.04 8.16 -4.94
CA VAL A 12 -1.11 7.30 -4.74
C VAL A 12 -0.98 6.50 -3.44
N GLY A 13 0.22 6.02 -3.12
CA GLY A 13 0.41 5.40 -1.81
C GLY A 13 0.07 6.33 -0.65
N GLN A 14 0.49 7.60 -0.74
N GLN A 14 0.50 7.59 -0.73
CA GLN A 14 0.21 8.55 0.32
CA GLN A 14 0.18 8.59 0.30
C GLN A 14 -1.27 8.90 0.40
C GLN A 14 -1.31 8.84 0.41
N GLU A 15 -2.00 8.82 -0.71
N GLU A 15 -2.02 8.80 -0.72
CA GLU A 15 -3.44 8.99 -0.64
CA GLU A 15 -3.46 8.96 -0.66
C GLU A 15 -4.09 7.83 0.11
C GLU A 15 -4.09 7.83 0.14
N ALA A 16 -3.58 6.61 -0.10
N ALA A 16 -3.66 6.60 -0.10
CA ALA A 16 -4.10 5.48 0.65
CA ALA A 16 -4.19 5.48 0.66
C ALA A 16 -3.79 5.61 2.14
C ALA A 16 -3.86 5.63 2.14
N VAL A 17 -2.62 6.17 2.48
N VAL A 17 -2.69 6.14 2.47
CA VAL A 17 -2.29 6.40 3.88
CA VAL A 17 -2.35 6.36 3.88
C VAL A 17 -3.27 7.40 4.51
C VAL A 17 -3.31 7.38 4.50
N ALA A 18 -3.60 8.46 3.77
CA ALA A 18 -4.51 9.46 4.28
C ALA A 18 -5.90 8.87 4.50
N VAL A 19 -6.40 8.14 3.52
CA VAL A 19 -7.73 7.54 3.65
C VAL A 19 -7.75 6.47 4.74
N PHE A 20 -6.65 5.73 4.89
N PHE A 20 -6.66 5.73 4.89
CA PHE A 20 -6.57 4.70 5.92
CA PHE A 20 -6.55 4.74 5.95
C PHE A 20 -6.69 5.29 7.31
C PHE A 20 -6.69 5.38 7.32
N ASN A 21 -5.93 6.35 7.60
N ASN A 21 -6.09 6.56 7.53
CA ASN A 21 -6.05 7.00 8.90
CA ASN A 21 -6.13 7.14 8.86
C ASN A 21 -7.44 7.57 9.12
C ASN A 21 -7.49 7.76 9.18
N THR A 22 -8.08 8.04 8.06
N THR A 22 -8.23 8.25 8.19
CA THR A 22 -9.47 8.50 8.15
CA THR A 22 -9.61 8.67 8.45
C THR A 22 -10.40 7.34 8.46
C THR A 22 -10.53 7.47 8.58
N MET A 23 -10.16 6.18 7.84
N MET A 23 -10.22 6.36 7.92
CA MET A 23 -10.99 5.01 8.10
CA MET A 23 -10.98 5.14 8.13
C MET A 23 -10.79 4.50 9.51
C MET A 23 -10.80 4.61 9.55
N LYS A 24 -9.55 4.54 10.02
N LYS A 24 -9.57 4.59 10.04
CA LYS A 24 -9.28 4.07 11.37
CA LYS A 24 -9.30 4.14 11.40
C LYS A 24 -10.03 4.89 12.40
C LYS A 24 -10.10 4.93 12.41
N ALA A 25 -10.11 6.21 12.21
N ALA A 25 -10.09 6.27 12.27
CA ALA A 25 -10.88 7.05 13.12
CA ALA A 25 -10.91 7.11 13.14
C ALA A 25 -12.36 6.72 13.04
C ALA A 25 -12.38 6.74 13.04
N ALA A 26 -12.88 6.52 11.83
CA ALA A 26 -14.28 6.15 11.67
C ALA A 26 -14.61 4.82 12.35
N PHE A 27 -13.74 3.81 12.17
CA PHE A 27 -13.91 2.53 12.84
C PHE A 27 -14.01 2.71 14.35
N GLN A 28 -13.06 3.46 14.92
CA GLN A 28 -13.04 3.67 16.35
C GLN A 28 -14.34 4.33 16.81
N ASN A 29 -14.86 5.28 16.02
N ASN A 29 -14.86 5.28 16.02
CA ASN A 29 -16.10 5.97 16.35
CA ASN A 29 -16.10 5.98 16.34
C ASN A 29 -17.35 5.15 16.07
C ASN A 29 -17.36 5.15 16.06
N GLY A 30 -17.21 3.96 15.50
CA GLY A 30 -18.36 3.15 15.19
C GLY A 30 -19.19 3.60 14.01
N ASP A 31 -18.62 4.43 13.12
CA ASP A 31 -19.32 4.97 11.94
C ASP A 31 -19.09 3.96 10.82
N LYS A 32 -19.93 2.92 10.81
N LYS A 32 -19.93 2.92 10.80
CA LYS A 32 -19.70 1.80 9.91
CA LYS A 32 -19.71 1.80 9.90
C LYS A 32 -20.03 2.15 8.47
C LYS A 32 -20.03 2.18 8.46
N GLU A 33 -20.96 3.09 8.25
N GLU A 33 -20.97 3.09 8.24
CA GLU A 33 -21.26 3.50 6.88
CA GLU A 33 -21.26 3.52 6.88
C GLU A 33 -20.06 4.19 6.25
C GLU A 33 -20.06 4.19 6.25
N ALA A 34 -19.35 5.01 7.04
CA ALA A 34 -18.15 5.64 6.52
C ALA A 34 -17.04 4.62 6.29
N VAL A 35 -16.84 3.72 7.25
CA VAL A 35 -15.82 2.68 7.07
C VAL A 35 -16.02 1.95 5.75
N ALA A 36 -17.25 1.52 5.49
CA ALA A 36 -17.56 0.80 4.24
C ALA A 36 -17.10 1.56 3.01
N GLN A 37 -17.43 2.85 2.94
N GLN A 37 -17.43 2.84 2.95
CA GLN A 37 -17.04 3.66 1.80
CA GLN A 37 -17.05 3.64 1.81
C GLN A 37 -15.52 3.79 1.75
C GLN A 37 -15.53 3.78 1.76
N TYR A 38 -14.90 4.12 2.88
CA TYR A 38 -13.42 4.21 2.91
C TYR A 38 -12.74 2.91 2.48
N LEU A 39 -13.28 1.76 2.87
CA LEU A 39 -12.67 0.49 2.46
C LEU A 39 -12.78 0.28 0.95
N ALA A 40 -13.90 0.65 0.35
CA ALA A 40 -14.00 0.63 -1.11
C ALA A 40 -12.97 1.56 -1.75
N ARG A 41 -12.80 2.76 -1.18
N ARG A 41 -12.79 2.75 -1.19
CA ARG A 41 -11.84 3.71 -1.72
CA ARG A 41 -11.81 3.70 -1.70
C ARG A 41 -10.43 3.16 -1.66
C ARG A 41 -10.39 3.15 -1.59
N LEU A 42 -10.05 2.55 -0.53
N LEU A 42 -10.05 2.57 -0.44
CA LEU A 42 -8.73 1.95 -0.42
CA LEU A 42 -8.73 1.97 -0.27
C LEU A 42 -8.57 0.79 -1.39
C LEU A 42 -8.49 0.84 -1.25
N ALA A 43 -9.64 0.03 -1.64
N ALA A 43 -9.50 0.00 -1.50
CA ALA A 43 -9.54 -1.08 -2.58
CA ALA A 43 -9.31 -1.07 -2.48
C ALA A 43 -9.23 -0.57 -3.99
C ALA A 43 -8.90 -0.48 -3.82
N SER A 44 -9.77 0.60 -4.35
N SER A 44 -9.67 0.50 -4.31
CA SER A 44 -9.44 1.20 -5.64
CA SER A 44 -9.40 1.11 -5.61
C SER A 44 -8.03 1.76 -5.64
C SER A 44 -8.02 1.75 -5.63
N LEU A 45 -7.62 2.40 -4.55
CA LEU A 45 -6.29 3.00 -4.48
C LEU A 45 -5.19 1.94 -4.49
N TYR A 46 -5.34 0.85 -3.73
N TYR A 46 -5.33 0.88 -3.68
CA TYR A 46 -4.36 -0.22 -3.73
CA TYR A 46 -4.32 -0.17 -3.64
C TYR A 46 -4.28 -0.89 -5.10
C TYR A 46 -4.22 -0.89 -4.99
N THR A 47 -5.43 -1.08 -5.76
N THR A 47 -5.34 -1.12 -5.66
CA THR A 47 -5.42 -1.66 -7.10
CA THR A 47 -5.29 -1.68 -7.02
C THR A 47 -4.63 -0.79 -8.07
C THR A 47 -4.44 -0.80 -7.94
N ARG A 48 -4.85 0.52 -8.03
N ARG A 48 -4.68 0.52 -7.88
CA ARG A 48 -4.11 1.44 -8.88
CA ARG A 48 -3.96 1.45 -8.75
C ARG A 48 -2.63 1.45 -8.53
C ARG A 48 -2.47 1.48 -8.42
N HIS A 49 -2.30 1.39 -7.24
N HIS A 49 -2.13 1.62 -7.13
CA HIS A 49 -0.90 1.37 -6.83
CA HIS A 49 -0.73 1.66 -6.74
C HIS A 49 -0.22 0.08 -7.30
C HIS A 49 0.00 0.42 -7.24
N GLU A 50 -0.89 -1.05 -7.14
N GLU A 50 -0.64 -0.73 -7.12
CA GLU A 50 -0.32 -2.33 -7.55
CA GLU A 50 -0.01 -1.97 -7.53
C GLU A 50 -0.01 -2.33 -9.05
C GLU A 50 0.23 -2.00 -9.03
N GLU A 51 -0.88 -1.73 -9.85
N GLU A 51 -0.68 -1.42 -9.81
CA GLU A 51 -0.67 -1.71 -11.30
CA GLU A 51 -0.49 -1.41 -11.26
C GLU A 51 0.49 -0.77 -11.67
C GLU A 51 0.64 -0.48 -11.66
N LEU A 52 0.58 0.39 -11.01
N LEU A 52 0.75 0.69 -11.05
CA LEU A 52 1.66 1.31 -11.31
CA LEU A 52 1.88 1.57 -11.30
C LEU A 52 3.01 0.71 -10.93
C LEU A 52 3.20 0.91 -10.89
N LEU A 53 3.11 0.07 -9.77
N LEU A 53 3.18 0.13 -9.81
CA LEU A 53 4.35 -0.54 -9.33
CA LEU A 53 4.38 -0.56 -9.33
C LEU A 53 4.79 -1.65 -10.27
C LEU A 53 4.80 -1.65 -10.29
N ASN A 54 3.84 -2.39 -10.85
CA ASN A 54 4.19 -3.44 -11.80
C ASN A 54 4.79 -2.83 -13.06
N ARG A 55 4.17 -1.77 -13.57
N ARG A 55 4.15 -1.79 -13.59
CA ARG A 55 4.72 -1.09 -14.75
CA ARG A 55 4.68 -1.10 -14.78
C ARG A 55 6.11 -0.55 -14.48
C ARG A 55 6.08 -0.56 -14.53
N ILE A 56 6.35 -0.02 -13.28
N ILE A 56 6.34 -0.03 -13.34
CA ILE A 56 7.68 0.48 -12.93
CA ILE A 56 7.68 0.47 -13.01
C ILE A 56 8.68 -0.67 -12.90
C ILE A 56 8.68 -0.68 -12.93
N LEU A 57 8.28 -1.81 -12.33
CA LEU A 57 9.20 -2.94 -12.24
C LEU A 57 9.51 -3.48 -13.63
N GLU A 58 8.49 -3.62 -14.48
N GLU A 58 8.48 -3.67 -14.45
CA GLU A 58 8.73 -4.09 -15.84
CA GLU A 58 8.70 -4.15 -15.81
C GLU A 58 9.63 -3.13 -16.60
C GLU A 58 9.62 -3.21 -16.58
N LYS A 59 9.53 -1.83 -16.32
N LYS A 59 9.51 -1.91 -16.32
CA LYS A 59 10.35 -0.86 -17.05
CA LYS A 59 10.34 -0.94 -17.04
C LYS A 59 11.80 -0.88 -16.57
C LYS A 59 11.79 -1.01 -16.57
N ALA A 60 12.01 -0.95 -15.26
CA ALA A 60 13.35 -1.14 -14.73
C ALA A 60 14.03 -2.40 -15.29
N ARG A 61 13.27 -3.48 -15.48
CA ARG A 61 13.82 -4.70 -16.06
C ARG A 61 14.23 -4.50 -17.50
N ARG A 62 13.35 -3.88 -18.31
CA ARG A 62 13.65 -3.63 -19.72
C ARG A 62 14.86 -2.71 -19.85
N GLU A 63 15.07 -1.84 -18.87
CA GLU A 63 16.18 -0.88 -18.80
C GLU A 63 17.45 -1.49 -18.27
N GLY A 64 17.38 -2.69 -17.70
CA GLY A 64 18.53 -3.37 -17.14
C GLY A 64 19.04 -2.78 -15.84
N ASN A 65 18.18 -2.10 -15.10
CA ASN A 65 18.59 -1.42 -13.87
C ASN A 65 18.52 -2.46 -12.76
N LYS A 66 19.60 -3.26 -12.67
N LYS A 66 19.61 -3.23 -12.64
CA LYS A 66 19.57 -4.43 -11.79
CA LYS A 66 19.60 -4.40 -11.75
C LYS A 66 19.25 -4.05 -10.35
C LYS A 66 19.26 -4.01 -10.34
N GLU A 67 19.84 -2.97 -9.86
N GLU A 67 19.90 -2.95 -9.82
CA GLU A 67 19.59 -2.60 -8.47
CA GLU A 67 19.59 -2.56 -8.44
C GLU A 67 18.15 -2.18 -8.26
C GLU A 67 18.13 -2.23 -8.28
N ALA A 68 17.57 -1.42 -9.18
CA ALA A 68 16.18 -1.04 -9.01
C ALA A 68 15.26 -2.26 -9.11
N VAL A 69 15.60 -3.21 -9.96
CA VAL A 69 14.81 -4.44 -10.08
C VAL A 69 14.83 -5.23 -8.77
N THR A 70 16.01 -5.43 -8.18
CA THR A 70 16.14 -6.10 -6.87
C THR A 70 15.23 -5.47 -5.82
N LEU A 71 15.34 -4.14 -5.67
CA LEU A 71 14.59 -3.40 -4.68
C LEU A 71 13.10 -3.49 -4.98
N MET A 72 12.72 -3.38 -6.26
CA MET A 72 11.31 -3.43 -6.60
C MET A 72 10.72 -4.83 -6.42
N ASN A 73 11.49 -5.89 -6.69
CA ASN A 73 11.04 -7.25 -6.37
C ASN A 73 10.78 -7.39 -4.86
N GLU A 74 11.68 -6.88 -4.03
N GLU A 74 11.69 -6.90 -4.03
CA GLU A 74 11.45 -6.91 -2.59
CA GLU A 74 11.46 -6.95 -2.59
C GLU A 74 10.22 -6.11 -2.21
C GLU A 74 10.24 -6.13 -2.20
N PHE A 75 10.07 -4.91 -2.78
N PHE A 75 10.09 -4.94 -2.78
CA PHE A 75 9.02 -4.00 -2.34
CA PHE A 75 8.97 -4.08 -2.45
C PHE A 75 7.64 -4.53 -2.71
C PHE A 75 7.65 -4.66 -2.94
N THR A 76 7.46 -4.97 -3.96
N THR A 76 7.63 -5.26 -4.14
CA THR A 76 6.17 -5.53 -4.35
CA THR A 76 6.38 -5.83 -4.63
C THR A 76 5.83 -6.76 -3.52
C THR A 76 5.94 -7.02 -3.78
N ALA A 77 6.84 -7.53 -3.11
N ALA A 77 6.89 -7.81 -3.29
CA ALA A 77 6.58 -8.67 -2.24
CA ALA A 77 6.54 -8.92 -2.42
C ALA A 77 6.03 -8.22 -0.89
C ALA A 77 5.89 -8.43 -1.13
N THR A 78 6.52 -7.10 -0.36
N THR A 78 6.51 -7.46 -0.47
CA THR A 78 5.92 -6.56 0.85
CA THR A 78 5.94 -6.94 0.77
C THR A 78 4.54 -5.99 0.57
C THR A 78 4.60 -6.23 0.51
N PHE A 79 4.33 -5.43 -0.63
N PHE A 79 4.45 -5.57 -0.64
CA PHE A 79 3.01 -4.90 -0.97
CA PHE A 79 3.17 -4.97 -0.98
C PHE A 79 1.95 -5.99 -0.94
C PHE A 79 2.06 -6.03 -0.96
N GLN A 80 2.30 -7.19 -1.41
N GLN A 80 2.39 -7.24 -1.43
CA GLN A 80 1.35 -8.29 -1.39
CA GLN A 80 1.42 -8.32 -1.43
C GLN A 80 1.05 -8.75 0.04
C GLN A 80 1.07 -8.79 -0.01
N THR A 81 2.01 -8.62 0.95
N THR A 81 2.03 -8.74 0.92
CA THR A 81 1.72 -8.86 2.36
CA THR A 81 1.71 -9.02 2.32
C THR A 81 0.67 -7.88 2.86
C THR A 81 0.66 -8.05 2.83
N GLY A 82 0.87 -6.60 2.57
N GLY A 82 0.89 -6.76 2.61
CA GLY A 82 -0.11 -5.60 2.97
CA GLY A 82 -0.09 -5.75 2.98
C GLY A 82 -1.46 -5.84 2.32
C GLY A 82 -1.44 -5.99 2.32
N LYS A 83 -1.47 -6.29 1.06
N LYS A 83 -1.45 -6.32 1.04
CA LYS A 83 -2.72 -6.51 0.35
CA LYS A 83 -2.72 -6.52 0.34
C LYS A 83 -3.49 -7.68 0.96
C LYS A 83 -3.50 -7.70 0.91
N SER A 84 -2.81 -8.78 1.29
CA SER A 84 -3.48 -9.91 1.92
C SER A 84 -4.08 -9.52 3.28
N ILE A 85 -3.33 -8.75 4.06
CA ILE A 85 -3.85 -8.28 5.34
C ILE A 85 -5.06 -7.40 5.12
N PHE A 86 -4.98 -6.49 4.14
CA PHE A 86 -6.11 -5.63 3.78
C PHE A 86 -7.34 -6.45 3.43
N ASN A 87 -7.18 -7.45 2.57
CA ASN A 87 -8.33 -8.25 2.18
C ASN A 87 -8.92 -8.96 3.38
N ALA A 88 -8.08 -9.40 4.31
CA ALA A 88 -8.58 -10.04 5.53
C ALA A 88 -9.33 -9.04 6.41
N MET A 89 -8.81 -7.81 6.48
CA MET A 89 -9.52 -6.75 7.19
C MET A 89 -10.91 -6.55 6.61
N VAL A 90 -10.99 -6.44 5.28
CA VAL A 90 -12.26 -6.26 4.60
C VAL A 90 -13.21 -7.39 4.95
N ALA A 91 -12.71 -8.63 4.98
CA ALA A 91 -13.56 -9.76 5.33
C ALA A 91 -14.03 -9.66 6.77
N ALA A 92 -13.14 -9.21 7.67
CA ALA A 92 -13.55 -9.03 9.06
C ALA A 92 -14.68 -8.02 9.18
N PHE A 93 -14.62 -6.95 8.40
CA PHE A 93 -15.70 -5.96 8.41
C PHE A 93 -17.02 -6.56 7.94
N LYS A 94 -16.99 -7.29 6.82
N LYS A 94 -16.98 -7.28 6.82
CA LYS A 94 -18.20 -7.93 6.31
CA LYS A 94 -18.19 -7.94 6.31
C LYS A 94 -18.77 -8.89 7.34
C LYS A 94 -18.76 -8.88 7.35
N ASN A 95 -17.89 -9.57 8.09
CA ASN A 95 -18.28 -10.56 9.08
C ASN A 95 -18.71 -9.96 10.42
N GLY A 96 -18.50 -8.66 10.64
CA GLY A 96 -18.77 -8.07 11.93
C GLY A 96 -17.79 -8.44 13.03
N ASP A 97 -16.55 -8.80 12.67
N ASP A 97 -16.58 -8.84 12.68
CA ASP A 97 -15.56 -9.28 13.65
CA ASP A 97 -15.59 -9.26 13.65
C ASP A 97 -14.60 -8.14 13.96
C ASP A 97 -14.67 -8.07 13.89
N ASP A 98 -14.99 -7.28 14.91
CA ASP A 98 -14.20 -6.11 15.20
C ASP A 98 -12.88 -6.49 15.84
N ASP A 99 -12.83 -7.62 16.54
CA ASP A 99 -11.54 -8.05 17.10
C ASP A 99 -10.53 -8.33 15.99
N SER A 100 -10.92 -9.11 14.98
CA SER A 100 -10.04 -9.35 13.86
C SER A 100 -9.75 -8.06 13.10
N PHE A 101 -10.76 -7.23 12.91
CA PHE A 101 -10.55 -5.97 12.20
C PHE A 101 -9.45 -5.15 12.85
N GLU A 102 -9.51 -4.97 14.18
CA GLU A 102 -8.48 -4.22 14.90
C GLU A 102 -7.10 -4.84 14.71
N SER A 103 -7.01 -6.18 14.77
N SER A 103 -7.02 -6.18 14.79
CA SER A 103 -5.74 -6.88 14.61
CA SER A 103 -5.75 -6.89 14.60
C SER A 103 -5.14 -6.61 13.23
C SER A 103 -5.15 -6.61 13.24
N TYR A 104 -5.91 -6.92 12.18
CA TYR A 104 -5.43 -6.67 10.83
C TYR A 104 -5.09 -5.19 10.62
N LEU A 105 -5.86 -4.29 11.21
N LEU A 105 -5.89 -4.29 11.18
CA LEU A 105 -5.59 -2.86 11.05
CA LEU A 105 -5.62 -2.87 10.99
C LEU A 105 -4.21 -2.52 11.62
C LEU A 105 -4.24 -2.50 11.56
N GLN A 106 -3.91 -2.99 12.84
N GLN A 106 -3.94 -2.97 12.78
CA GLN A 106 -2.59 -2.76 13.42
CA GLN A 106 -2.62 -2.74 13.37
C GLN A 106 -1.49 -3.43 12.61
C GLN A 106 -1.52 -3.41 12.56
N ALA A 107 -1.79 -4.60 12.02
CA ALA A 107 -0.77 -5.30 11.24
C ALA A 107 -0.46 -4.58 9.94
N LEU A 108 -1.50 -4.02 9.30
N LEU A 108 -1.50 -4.07 9.26
CA LEU A 108 -1.27 -3.26 8.07
CA LEU A 108 -1.29 -3.35 8.01
C LEU A 108 -0.45 -2.00 8.31
C LEU A 108 -0.49 -2.07 8.26
N GLU A 109 -0.53 -1.45 9.53
N GLU A 109 -0.81 -1.34 9.34
CA GLU A 109 0.28 -0.29 9.88
CA GLU A 109 -0.05 -0.17 9.74
C GLU A 109 1.75 -0.66 9.99
C GLU A 109 1.45 -0.46 9.81
N LYS A 110 2.05 -1.73 10.74
N LYS A 110 1.81 -1.62 10.37
CA LYS A 110 3.45 -2.10 10.97
CA LYS A 110 3.21 -1.91 10.62
C LYS A 110 4.12 -2.57 9.69
C LYS A 110 3.89 -2.43 9.36
N VAL A 111 3.38 -3.27 8.82
N VAL A 111 3.17 -3.19 8.52
CA VAL A 111 3.93 -3.68 7.53
CA VAL A 111 3.72 -3.63 7.24
C VAL A 111 4.23 -2.46 6.67
C VAL A 111 3.99 -2.43 6.32
N THR A 112 3.32 -1.48 6.64
N THR A 112 3.12 -1.43 6.34
CA THR A 112 3.56 -0.28 5.85
CA THR A 112 3.33 -0.26 5.50
C THR A 112 4.72 0.53 6.43
C THR A 112 4.42 0.65 6.06
N ALA A 113 4.78 0.67 7.75
N ALA A 113 4.49 0.78 7.39
CA ALA A 113 5.85 1.45 8.36
CA ALA A 113 5.51 1.63 7.98
C ALA A 113 7.21 0.80 8.10
C ALA A 113 6.90 1.06 7.73
N LYS A 114 7.26 -0.53 8.11
N LYS A 114 7.04 -0.27 7.83
CA LYS A 114 8.51 -1.22 7.84
CA LYS A 114 8.32 -0.89 7.54
C LYS A 114 9.00 -0.94 6.42
C LYS A 114 8.73 -0.64 6.10
N GLY A 115 8.09 -0.98 5.45
N GLY A 115 7.80 -0.86 5.17
CA GLY A 115 8.44 -0.85 4.05
CA GLY A 115 8.07 -0.72 3.73
C GLY A 115 8.74 0.55 3.57
C GLY A 115 8.53 0.65 3.29
N GLU A 116 8.97 1.49 4.48
N GLU A 116 8.59 1.61 4.20
CA GLU A 116 9.19 2.87 4.06
CA GLU A 116 8.95 2.96 3.78
C GLU A 116 10.64 3.16 3.73
C GLU A 116 10.44 3.12 3.57
N THR A 117 11.60 2.59 4.45
N THR A 117 11.28 2.41 4.32
CA THR A 117 12.99 2.82 4.10
CA THR A 117 12.71 2.56 4.08
C THR A 117 13.30 2.27 2.71
C THR A 117 13.08 2.01 2.71
N LEU A 118 12.66 1.17 2.34
N LEU A 118 12.38 0.95 2.26
CA LEU A 118 12.85 0.61 1.00
CA LEU A 118 12.59 0.43 0.92
C LEU A 118 12.20 1.51 -0.05
C LEU A 118 11.95 1.34 -0.13
N ALA A 119 11.03 2.08 0.26
N ALA A 119 10.72 1.81 0.13
CA ALA A 119 10.35 2.95 -0.69
CA ALA A 119 10.09 2.75 -0.78
C ALA A 119 11.23 4.13 -1.06
C ALA A 119 11.00 3.93 -1.08
N ASP A 120 11.92 4.72 -0.09
N ASP A 120 11.63 4.49 -0.04
CA ASP A 120 12.84 5.82 -0.39
CA ASP A 120 12.52 5.62 -0.24
C ASP A 120 14.05 5.33 -1.17
C ASP A 120 13.79 5.22 -0.97
N GLN A 121 14.52 4.10 -0.92
N GLN A 121 14.23 3.96 -0.83
CA GLN A 121 15.66 3.57 -1.65
CA GLN A 121 15.41 3.46 -1.55
C GLN A 121 15.34 3.33 -3.13
C GLN A 121 15.14 3.34 -3.04
N ILE A 122 14.10 2.94 -3.43
N ILE A 122 13.93 2.90 -3.42
CA ILE A 122 13.69 2.76 -4.81
CA ILE A 122 13.61 2.75 -4.83
C ILE A 122 13.69 4.10 -5.54
C ILE A 122 13.68 4.10 -5.54
N ALA A 123 13.17 5.14 -4.90
CA ALA A 123 13.17 6.45 -5.51
C ALA A 123 14.58 6.86 -5.93
N LYS A 124 15.57 6.58 -5.08
N LYS A 124 15.57 6.56 -5.09
CA LYS A 124 16.93 7.00 -5.40
CA LYS A 124 16.95 6.96 -5.33
C LYS A 124 17.54 6.14 -6.50
C LYS A 124 17.66 6.05 -6.30
N ALA A 125 17.08 4.89 -6.63
CA ALA A 125 17.71 3.92 -7.51
C ALA A 125 17.23 3.99 -8.94
N LEU A 126 16.00 4.44 -9.18
N LEU A 126 16.02 4.47 -9.17
CA LEU A 126 15.44 4.39 -10.52
CA LEU A 126 15.45 4.48 -10.50
C LEU A 126 16.15 5.34 -11.46
C LEU A 126 16.13 5.48 -11.40
O1 DBJ B . 4.26 1.93 0.56
C2 DBJ B . 3.20 1.09 0.14
C3 DBJ B . 3.19 -0.23 0.89
C4 DBJ B . 2.03 -1.04 0.88
O5 DBJ B . 0.91 -0.58 0.23
C5 DBJ B . -0.18 -1.49 0.08
C7 DBJ B . -0.33 -2.42 1.30
O8 DBJ B . 0.90 -3.07 1.60
C9 DBJ B . 2.03 -2.27 1.58
C10 DBJ B . 3.19 -2.69 2.26
C11 DBJ B . 4.34 -1.90 2.25
C12 DBJ B . 4.35 -0.67 1.56
H1 DBJ B . 3.94 2.82 0.55
H2 DBJ B . 3.28 0.90 -0.94
H3 DBJ B . 2.25 1.61 0.29
H4 DBJ B . -1.10 -0.94 -0.10
H5 DBJ B . 0.01 -2.11 -0.78
H6 DBJ B . -1.10 -3.17 1.12
H7 DBJ B . -0.62 -1.84 2.17
H8 DBJ B . 3.18 -3.64 2.79
H9 DBJ B . 5.23 -2.24 2.77
H10 DBJ B . 5.25 -0.07 1.56
#